data_8BV6
#
_entry.id   8BV6
#
_entity_poly.entity_id   1
_entity_poly.type   'polydeoxyribonucleotide'
_entity_poly.pdbx_seq_one_letter_code
;(DC)(DNR)(DG)(DT)(DT)(DC)(DNR)(DG)(DT)(DT)(DT)(DT)(DT)(DC)(DC)(DG)(DT)(DT)(DC)
(DC)(DG)(DT)
;
_entity_poly.pdbx_strand_id   A
#
loop_
_chem_comp.id
_chem_comp.type
_chem_comp.name
_chem_comp.formula
DC DNA linking 2'-DEOXYCYTIDINE-5'-MONOPHOSPHATE 'C9 H14 N3 O7 P'
DG DNA linking 2'-DEOXYGUANOSINE-5'-MONOPHOSPHATE 'C10 H14 N5 O7 P'
DNR DNA linking '2'-DEOXY-N3-PROTONATED CYTIDINE-5'-MONOPHOSPHATE' 'C9 H15 N3 O7 P 1'
DT DNA linking THYMIDINE-5'-MONOPHOSPHATE 'C10 H15 N2 O8 P'
#
# COMPACT_ATOMS: atom_id res chain seq x y z
P DNR A 2 -2.87 0.95 5.68
OP1 DNR A 2 -3.11 2.21 6.43
OP2 DNR A 2 -3.93 -0.07 5.61
O5' DNR A 2 -2.43 1.30 4.18
C5' DNR A 2 -1.91 0.28 3.34
C4' DNR A 2 -1.74 0.78 1.91
O4' DNR A 2 -1.08 -0.26 1.18
C1' DNR A 2 -1.91 -0.69 0.12
N1 DNR A 2 -1.71 -2.15 -0.10
C6 DNR A 2 -2.01 -3.04 0.92
C2 DNR A 2 -1.10 -2.62 -1.27
O2 DNR A 2 -0.76 -1.86 -2.18
N3 DNR A 2 -0.86 -3.95 -1.41
C4 DNR A 2 -1.17 -4.82 -0.45
N4 DNR A 2 -0.94 -6.10 -0.69
C5 DNR A 2 -1.75 -4.37 0.79
C2' DNR A 2 -3.33 -0.31 0.56
C3' DNR A 2 -3.07 1.05 1.21
O3' DNR A 2 -2.90 2.07 0.22
H5' DNR A 2 -2.58 -0.57 3.35
H5'' DNR A 2 -0.93 -0.01 3.73
H4' DNR A 2 -1.14 1.69 1.92
H1' DNR A 2 -1.67 -0.12 -0.78
H6 DNR A 2 -2.44 -2.65 1.83
HN3 DNR A 2 -0.44 -4.26 -2.27
H41 DNR A 2 -0.50 -6.40 -1.58
H42 DNR A 2 -1.26 -6.82 -0.06
H5 DNR A 2 -1.96 -5.03 1.62
H2' DNR A 2 -3.74 -0.98 1.31
H2'' DNR A 2 -4.00 -0.24 -0.28
H3' DNR A 2 -3.84 1.33 1.92
P DNR A 7 0.50 5.80 -3.35
OP1 DNR A 7 0.25 7.25 -3.15
OP2 DNR A 7 1.77 5.35 -3.98
O5' DNR A 7 0.32 5.01 -1.98
C5' DNR A 7 0.35 3.60 -1.99
C4' DNR A 7 0.17 2.99 -0.61
O4' DNR A 7 0.25 1.58 -0.77
C1' DNR A 7 1.46 1.09 -0.20
N1 DNR A 7 2.07 0.08 -1.11
C6 DNR A 7 2.54 0.43 -2.36
C2 DNR A 7 2.05 -1.27 -0.74
O2 DNR A 7 1.61 -1.67 0.33
N3 DNR A 7 2.54 -2.19 -1.61
C4 DNR A 7 3.03 -1.86 -2.79
N4 DNR A 7 3.53 -2.82 -3.55
C5 DNR A 7 3.03 -0.48 -3.23
C2' DNR A 7 2.32 2.33 0.05
C3' DNR A 7 1.26 3.37 0.39
O3' DNR A 7 0.76 3.23 1.70
H5' DNR A 7 1.31 3.28 -2.42
H5'' DNR A 7 -0.45 3.22 -2.62
H4' DNR A 7 -0.81 3.29 -0.22
H1' DNR A 7 1.22 0.65 0.77
H6 DNR A 7 2.50 1.48 -2.66
HN3 DNR A 7 2.55 -3.17 -1.32
H41 DNR A 7 3.53 -3.79 -3.22
H42 DNR A 7 4.15 -2.61 -4.33
H5 DNR A 7 3.39 -0.18 -4.21
H2' DNR A 7 2.89 2.65 -0.82
H2'' DNR A 7 3.00 2.18 0.89
H3' DNR A 7 1.61 4.40 0.21
P DNR A 2 -2.36 1.53 5.93
OP1 DNR A 2 -2.43 2.84 6.60
OP2 DNR A 2 -3.47 0.56 6.07
O5' DNR A 2 -2.11 1.73 4.35
C5' DNR A 2 -1.75 0.63 3.55
C4' DNR A 2 -1.57 1.04 2.09
O4' DNR A 2 -0.99 -0.06 1.40
C1' DNR A 2 -1.84 -0.45 0.32
N1 DNR A 2 -1.71 -1.91 0.08
C6 DNR A 2 -2.02 -2.81 1.07
C2 DNR A 2 -1.14 -2.38 -1.12
O2 DNR A 2 -0.76 -1.62 -2.01
N3 DNR A 2 -0.96 -3.71 -1.29
C4 DNR A 2 -1.27 -4.58 -0.35
N4 DNR A 2 -1.06 -5.87 -0.60
C5 DNR A 2 -1.82 -4.15 0.90
C2' DNR A 2 -3.23 0.02 0.79
C3' DNR A 2 -2.87 1.39 1.36
O3' DNR A 2 -2.56 2.31 0.32
H5' DNR A 2 -2.52 -0.13 3.62
H5'' DNR A 2 -0.79 0.24 3.89
H4' DNR A 2 -0.91 1.91 2.06
H1' DNR A 2 -1.58 0.14 -0.57
H6 DNR A 2 -2.41 -2.43 2.00
HN3 DNR A 2 -0.55 -4.03 -2.17
H41 DNR A 2 -0.62 -6.18 -1.49
H42 DNR A 2 -1.33 -6.58 0.06
H5 DNR A 2 -2.03 -4.82 1.73
H2' DNR A 2 -3.63 -0.62 1.58
H2'' DNR A 2 -3.93 0.07 -0.03
H3' DNR A 2 -3.62 1.79 2.03
P DNR A 7 2.48 4.45 -3.40
OP1 DNR A 7 2.12 5.87 -3.53
OP2 DNR A 7 3.81 3.95 -3.75
O5' DNR A 7 2.10 3.93 -1.93
C5' DNR A 7 0.84 4.18 -1.36
C4' DNR A 7 0.60 3.21 -0.20
O4' DNR A 7 0.57 1.86 -0.69
C1' DNR A 7 1.60 1.10 -0.08
N1 DNR A 7 2.15 0.09 -1.03
C6 DNR A 7 2.72 0.46 -2.23
C2 DNR A 7 2.09 -1.28 -0.68
O2 DNR A 7 1.59 -1.67 0.36
N3 DNR A 7 2.58 -2.20 -1.54
C4 DNR A 7 3.14 -1.86 -2.69
N4 DNR A 7 3.65 -2.84 -3.43
C5 DNR A 7 3.24 -0.48 -3.08
C2' DNR A 7 2.63 2.11 0.42
C3' DNR A 7 1.72 3.27 0.83
O3' DNR A 7 1.18 3.08 2.13
H5' DNR A 7 0.04 4.04 -2.09
H5'' DNR A 7 0.80 5.21 -0.99
H4' DNR A 7 -0.34 3.45 0.28
H1' DNR A 7 1.18 0.60 0.80
H6 DNR A 7 2.75 1.51 -2.51
HN3 DNR A 7 2.53 -3.18 -1.27
H41 DNR A 7 3.57 -3.82 -3.12
H42 DNR A 7 4.30 -2.66 -4.18
H5 DNR A 7 3.69 -0.17 -4.02
H2' DNR A 7 3.31 2.42 -0.37
H2'' DNR A 7 3.18 1.72 1.27
H3' DNR A 7 2.25 4.22 0.78
P DNR A 2 -2.77 1.10 5.72
OP1 DNR A 2 -2.93 2.35 6.47
OP2 DNR A 2 -3.84 0.08 5.71
O5' DNR A 2 -2.42 1.43 4.18
C5' DNR A 2 -2.01 0.39 3.30
C4' DNR A 2 -1.76 0.92 1.89
O4' DNR A 2 -1.10 -0.11 1.17
C1' DNR A 2 -1.91 -0.51 0.07
N1 DNR A 2 -1.73 -1.97 -0.15
C6 DNR A 2 -2.00 -2.85 0.87
C2 DNR A 2 -1.12 -2.45 -1.32
O2 DNR A 2 -0.78 -1.70 -2.24
N3 DNR A 2 -0.88 -3.77 -1.45
C4 DNR A 2 -1.16 -4.63 -0.47
N4 DNR A 2 -0.91 -5.91 -0.71
C5 DNR A 2 -1.72 -4.17 0.76
C2' DNR A 2 -3.32 -0.10 0.49
C3' DNR A 2 -3.04 1.26 1.12
O3' DNR A 2 -2.71 2.22 0.14
H5' DNR A 2 -2.76 -0.39 3.28
H5'' DNR A 2 -1.07 -0.03 3.68
H4' DNR A 2 -1.14 1.81 1.96
H1' DNR A 2 -1.62 0.07 -0.82
H6 DNR A 2 -2.41 -2.45 1.79
HN3 DNR A 2 -0.46 -4.11 -2.32
H41 DNR A 2 -0.51 -6.23 -1.60
H42 DNR A 2 -1.19 -6.62 -0.03
H5 DNR A 2 -1.92 -4.82 1.61
H2' DNR A 2 -3.75 -0.77 1.23
H2'' DNR A 2 -3.99 -0.03 -0.37
H3' DNR A 2 -3.84 1.61 1.78
P DNR A 7 2.57 4.28 -3.53
OP1 DNR A 7 2.06 5.62 -3.85
OP2 DNR A 7 4.00 3.95 -3.65
O5' DNR A 7 2.05 3.84 -2.09
C5' DNR A 7 0.70 4.01 -1.70
C4' DNR A 7 0.41 3.13 -0.48
O4' DNR A 7 0.46 1.75 -0.87
C1' DNR A 7 1.48 1.08 -0.16
N1 DNR A 7 2.11 0.06 -1.04
C6 DNR A 7 2.70 0.42 -2.24
C2 DNR A 7 2.03 -1.29 -0.69
O2 DNR A 7 1.54 -1.69 0.37
N3 DNR A 7 2.52 -2.23 -1.53
C4 DNR A 7 3.08 -1.90 -2.68
N4 DNR A 7 3.56 -2.88 -3.42
C5 DNR A 7 3.21 -0.53 -3.08
C2' DNR A 7 2.44 2.17 0.34
C3' DNR A 7 1.45 3.30 0.64
O3' DNR A 7 0.81 3.14 1.89
H5' DNR A 7 0.03 3.72 -2.50
H5'' DNR A 7 0.52 5.06 -1.44
H4' DNR A 7 -0.57 3.38 -0.09
H1' DNR A 7 1.06 0.61 0.73
H6 DNR A 7 2.72 1.48 -2.52
HN3 DNR A 7 2.48 -3.20 -1.25
H41 DNR A 7 3.46 -3.86 -3.12
H42 DNR A 7 4.29 -2.71 -4.12
H5 DNR A 7 3.66 -0.22 -4.01
H2' DNR A 7 3.15 2.47 -0.42
H2'' DNR A 7 2.96 1.86 1.23
H3' DNR A 7 1.94 4.28 0.57
P DNR A 2 -3.84 0.06 5.14
OP1 DNR A 2 -4.35 1.43 5.34
OP2 DNR A 2 -4.74 -1.10 5.31
O5' DNR A 2 -3.18 -0.03 3.67
C5' DNR A 2 -2.18 0.89 3.29
C4' DNR A 2 -1.92 0.90 1.78
O4' DNR A 2 -1.34 -0.30 1.31
C1' DNR A 2 -2.01 -0.68 0.12
N1 DNR A 2 -1.83 -2.14 -0.12
C6 DNR A 2 -2.19 -3.03 0.86
C2 DNR A 2 -1.19 -2.60 -1.29
O2 DNR A 2 -0.82 -1.84 -2.19
N3 DNR A 2 -0.95 -3.92 -1.42
C4 DNR A 2 -1.29 -4.80 -0.49
N4 DNR A 2 -1.04 -6.08 -0.73
C5 DNR A 2 -1.93 -4.37 0.72
C2' DNR A 2 -3.45 -0.26 0.40
C3' DNR A 2 -3.19 1.14 0.94
O3' DNR A 2 -2.85 2.04 -0.09
H5' DNR A 2 -1.24 0.66 3.81
H5'' DNR A 2 -2.48 1.90 3.59
H4' DNR A 2 -1.24 1.73 1.59
H1' DNR A 2 -1.64 -0.09 -0.73
H6 DNR A 2 -2.65 -2.64 1.75
HN3 DNR A 2 -0.49 -4.23 -2.28
H41 DNR A 2 -0.56 -6.37 -1.59
H42 DNR A 2 -1.41 -6.82 -0.14
H5 DNR A 2 -2.19 -5.04 1.53
H2' DNR A 2 -3.92 -0.87 1.17
H2'' DNR A 2 -4.05 -0.25 -0.50
H3' DNR A 2 -4.01 1.52 1.55
P DNR A 7 1.73 4.92 -3.38
OP1 DNR A 7 1.70 6.27 -2.79
OP2 DNR A 7 2.92 4.43 -4.11
O5' DNR A 7 1.40 3.84 -2.25
C5' DNR A 7 0.21 3.97 -1.49
C4' DNR A 7 0.18 3.02 -0.30
O4' DNR A 7 0.30 1.66 -0.74
C1' DNR A 7 1.41 1.06 -0.09
N1 DNR A 7 2.03 0.05 -0.99
C6 DNR A 7 2.61 0.43 -2.19
C2 DNR A 7 1.96 -1.31 -0.64
O2 DNR A 7 1.45 -1.70 0.39
N3 DNR A 7 2.46 -2.23 -1.50
C4 DNR A 7 3.03 -1.89 -2.64
N4 DNR A 7 3.51 -2.87 -3.39
C5 DNR A 7 3.14 -0.51 -3.03
C2' DNR A 7 2.32 2.22 0.32
C3' DNR A 7 1.28 3.25 0.73
O3' DNR A 7 0.73 2.97 2.00
H5' DNR A 7 -0.65 3.75 -2.14
H5'' DNR A 7 0.11 4.99 -1.13
H4' DNR A 7 -0.78 3.18 0.18
H1' DNR A 7 1.05 0.59 0.83
H6 DNR A 7 2.62 1.48 -2.46
HN3 DNR A 7 2.41 -3.21 -1.23
H41 DNR A 7 3.41 -3.85 -3.10
H42 DNR A 7 4.21 -2.70 -4.12
H5 DNR A 7 3.59 -0.20 -3.97
H2' DNR A 7 2.91 2.60 -0.52
H2'' DNR A 7 2.97 1.96 1.14
H3' DNR A 7 1.66 4.28 0.68
P DNR A 2 -3.47 0.12 5.69
OP1 DNR A 2 -3.78 1.53 5.93
OP2 DNR A 2 -4.48 -0.93 5.93
O5' DNR A 2 -2.91 -0.05 4.18
C5' DNR A 2 -1.85 0.78 3.72
C4' DNR A 2 -1.74 0.75 2.20
O4' DNR A 2 -1.23 -0.47 1.68
C1' DNR A 2 -1.97 -0.80 0.52
N1 DNR A 2 -1.84 -2.24 0.20
C6 DNR A 2 -2.21 -3.18 1.14
C2 DNR A 2 -1.20 -2.65 -0.98
O2 DNR A 2 -0.83 -1.85 -1.84
N3 DNR A 2 -0.94 -3.96 -1.17
C4 DNR A 2 -1.27 -4.88 -0.28
N4 DNR A 2 -1.02 -6.15 -0.57
C5 DNR A 2 -1.92 -4.50 0.96
C2' DNR A 2 -3.38 -0.32 0.88
C3' DNR A 2 -3.06 1.04 1.47
O3' DNR A 2 -2.77 2.00 0.47
H5' DNR A 2 -0.91 0.48 4.16
H5'' DNR A 2 -2.04 1.82 4.03
H4' DNR A 2 -1.05 1.55 1.93
H1' DNR A 2 -1.61 -0.18 -0.32
H6 DNR A 2 -2.71 -2.84 2.02
HN3 DNR A 2 -0.50 -4.24 -2.04
H41 DNR A 2 -0.55 -6.41 -1.44
H42 DNR A 2 -1.42 -6.92 -0.04
H5 DNR A 2 -2.17 -5.22 1.72
H2' DNR A 2 -3.84 -0.95 1.63
H2'' DNR A 2 -4.01 -0.24 0.01
H3' DNR A 2 -3.84 1.39 2.16
P DNR A 7 2.04 4.56 -3.12
OP1 DNR A 7 1.32 5.85 -3.25
OP2 DNR A 7 3.49 4.48 -3.35
O5' DNR A 7 1.71 3.92 -1.68
C5' DNR A 7 0.43 4.03 -1.10
C4' DNR A 7 0.27 3.05 0.06
O4' DNR A 7 0.28 1.71 -0.44
C1' DNR A 7 1.34 0.99 0.15
N1 DNR A 7 1.91 0.02 -0.82
C6 DNR A 7 2.40 0.44 -2.05
C2 DNR A 7 1.93 -1.35 -0.50
O2 DNR A 7 1.51 -1.78 0.56
N3 DNR A 7 2.42 -2.23 -1.41
C4 DNR A 7 2.89 -1.84 -2.58
N4 DNR A 7 3.39 -2.78 -3.36
C5 DNR A 7 2.90 -0.45 -2.95
C2' DNR A 7 2.33 2.04 0.65
C3' DNR A 7 1.38 3.14 1.13
O3' DNR A 7 0.82 2.81 2.39
H5' DNR A 7 -0.35 3.84 -1.84
H5'' DNR A 7 0.30 5.06 -0.73
H4' DNR A 7 -0.69 3.27 0.54
H1' DNR A 7 0.95 0.47 1.04
H6 DNR A 7 2.35 1.50 -2.29
HN3 DNR A 7 2.42 -3.22 -1.15
H41 DNR A 7 3.37 -3.77 -3.07
H42 DNR A 7 3.98 -2.56 -4.16
H5 DNR A 7 3.29 -0.11 -3.90
H2' DNR A 7 2.97 2.41 -0.15
H2'' DNR A 7 2.94 1.67 1.46
H3' DNR A 7 1.84 4.12 1.14
P DNR A 2 -2.25 1.46 5.98
OP1 DNR A 2 -2.23 2.83 6.53
OP2 DNR A 2 -3.42 0.57 6.18
O5' DNR A 2 -2.00 1.65 4.42
C5' DNR A 2 -1.75 0.53 3.59
C4' DNR A 2 -1.57 0.94 2.13
O4' DNR A 2 -1.02 -0.16 1.43
C1' DNR A 2 -1.85 -0.51 0.34
N1 DNR A 2 -1.72 -1.97 0.10
C6 DNR A 2 -2.04 -2.87 1.09
C2 DNR A 2 -1.11 -2.44 -1.07
O2 DNR A 2 -0.73 -1.68 -1.96
N3 DNR A 2 -0.90 -3.77 -1.23
C4 DNR A 2 -1.22 -4.65 -0.28
N4 DNR A 2 -0.99 -5.93 -0.53
C5 DNR A 2 -1.80 -4.20 0.96
C2' DNR A 2 -3.23 -0.04 0.79
C3' DNR A 2 -2.87 1.31 1.42
O3' DNR A 2 -2.55 2.28 0.44
H5' DNR A 2 -2.60 -0.17 3.69
H5'' DNR A 2 -0.84 0.04 3.93
H4' DNR A 2 -0.90 1.79 2.10
H1' DNR A 2 -1.57 0.08 -0.55
H6 DNR A 2 -2.47 -2.48 2.00
HN3 DNR A 2 -0.46 -4.10 -2.09
H41 DNR A 2 -0.59 -6.22 -1.44
H42 DNR A 2 -1.30 -6.65 0.10
H5 DNR A 2 -2.03 -4.86 1.78
H2' DNR A 2 -3.67 -0.69 1.55
H2'' DNR A 2 -3.91 0.07 -0.04
H3' DNR A 2 -3.63 1.67 2.11
P DNR A 7 2.26 4.52 -3.31
OP1 DNR A 7 1.73 5.89 -3.48
OP2 DNR A 7 3.67 4.21 -3.62
O5' DNR A 7 1.92 3.99 -1.84
C5' DNR A 7 0.66 4.22 -1.24
C4' DNR A 7 0.47 3.27 -0.04
O4' DNR A 7 0.44 1.92 -0.47
C1' DNR A 7 1.52 1.20 0.12
N1 DNR A 7 2.08 0.21 -0.85
C6 DNR A 7 2.56 0.61 -2.08
C2 DNR A 7 2.08 -1.16 -0.51
O2 DNR A 7 1.66 -1.58 0.56
N3 DNR A 7 2.54 -2.05 -1.42
C4 DNR A 7 3.00 -1.67 -2.60
N4 DNR A 7 3.47 -2.61 -3.40
C5 DNR A 7 3.03 -0.30 -2.98
C2' DNR A 7 2.53 2.25 0.58
C3' DNR A 7 1.59 3.39 1.00
O3' DNR A 7 1.05 3.18 2.29
H5' DNR A 7 -0.15 4.04 -1.95
H5'' DNR A 7 0.60 5.26 -0.90
H4' DNR A 7 -0.47 3.55 0.43
H1' DNR A 7 1.15 0.69 1.01
H6 DNR A 7 2.52 1.67 -2.34
HN3 DNR A 7 2.55 -3.04 -1.16
H41 DNR A 7 3.48 -3.61 -3.09
H42 DNR A 7 4.02 -2.39 -4.21
H5 DNR A 7 3.40 0.05 -3.94
H2' DNR A 7 3.19 2.57 -0.23
H2'' DNR A 7 3.12 1.89 1.41
H3' DNR A 7 2.09 4.36 0.94
P DNR A 2 -2.40 1.20 5.94
OP1 DNR A 2 -2.50 2.50 6.61
OP2 DNR A 2 -3.48 0.20 6.10
O5' DNR A 2 -2.17 1.41 4.36
C5' DNR A 2 -1.82 0.31 3.52
C4' DNR A 2 -1.61 0.75 2.08
O4' DNR A 2 -1.04 -0.34 1.36
C1' DNR A 2 -1.90 -0.71 0.29
N1 DNR A 2 -1.80 -2.17 0.05
C6 DNR A 2 -2.12 -3.06 1.06
C2 DNR A 2 -1.19 -2.66 -1.12
O2 DNR A 2 -0.83 -1.91 -2.03
N3 DNR A 2 -0.99 -3.99 -1.25
C4 DNR A 2 -1.30 -4.86 -0.29
N4 DNR A 2 -1.05 -6.14 -0.52
C5 DNR A 2 -1.89 -4.40 0.94
C2' DNR A 2 -3.27 -0.21 0.74
C3' DNR A 2 -2.88 1.15 1.34
O3' DNR A 2 -2.52 2.08 0.33
H5' DNR A 2 -2.62 -0.44 3.58
H5'' DNR A 2 -0.89 -0.12 3.88
H4' DNR A 2 -0.92 1.60 2.08
H1' DNR A 2 -1.62 -0.14 -0.60
H6 DNR A 2 -2.54 -2.66 1.97
HN3 DNR A 2 -0.56 -4.32 -2.11
H41 DNR A 2 -0.61 -6.44 -1.39
H42 DNR A 2 -1.37 -6.85 0.12
H5 DNR A 2 -2.11 -5.03 1.77
H2' DNR A 2 -3.72 -0.84 1.52
H2'' DNR A 2 -3.97 -0.11 -0.09
H3' DNR A 2 -3.64 1.56 2.01
P DNR A 7 2.47 4.51 -3.30
OP1 DNR A 7 1.84 5.83 -3.54
OP2 DNR A 7 3.92 4.30 -3.49
O5' DNR A 7 2.03 3.95 -1.88
C5' DNR A 7 0.71 4.10 -1.39
C4' DNR A 7 0.48 3.14 -0.23
O4' DNR A 7 0.47 1.80 -0.71
C1' DNR A 7 1.50 1.06 -0.06
N1 DNR A 7 2.09 0.06 -1.01
C6 DNR A 7 2.66 0.44 -2.20
C2 DNR A 7 2.02 -1.30 -0.67
O2 DNR A 7 1.52 -1.70 0.38
N3 DNR A 7 2.52 -2.22 -1.53
C4 DNR A 7 3.09 -1.87 -2.67
N4 DNR A 7 3.59 -2.84 -3.41
C5 DNR A 7 3.19 -0.48 -3.05
C2' DNR A 7 2.51 2.10 0.45
C3' DNR A 7 1.58 3.24 0.84
O3' DNR A 7 1.02 3.04 2.13
H5' DNR A 7 -0.02 3.88 -2.17
H5'' DNR A 7 0.55 5.13 -1.07
H4' DNR A 7 -0.48 3.38 0.24
H1' DNR A 7 1.08 0.57 0.81
H6 DNR A 7 2.67 1.50 -2.47
HN3 DNR A 7 2.48 -3.19 -1.26
H41 DNR A 7 3.51 -3.83 -3.11
H42 DNR A 7 4.31 -2.67 -4.12
H5 DNR A 7 3.65 -0.17 -3.98
H2' DNR A 7 3.20 2.42 -0.34
H2'' DNR A 7 3.06 1.72 1.30
H3' DNR A 7 2.08 4.21 0.79
P DNR A 2 -2.20 1.41 6.05
OP1 DNR A 2 -2.13 2.75 6.69
OP2 DNR A 2 -3.32 0.50 6.32
O5' DNR A 2 -2.01 1.57 4.47
C5' DNR A 2 -1.80 0.45 3.64
C4' DNR A 2 -1.62 0.84 2.17
O4' DNR A 2 -1.02 -0.26 1.49
C1' DNR A 2 -1.82 -0.61 0.38
N1 DNR A 2 -1.67 -2.08 0.12
C6 DNR A 2 -1.96 -2.97 1.12
C2 DNR A 2 -1.09 -2.53 -1.08
O2 DNR A 2 -0.72 -1.77 -1.97
N3 DNR A 2 -0.90 -3.86 -1.25
C4 DNR A 2 -1.21 -4.75 -0.31
N4 DNR A 2 -1.00 -6.03 -0.56
C5 DNR A 2 -1.75 -4.31 0.95
C2' DNR A 2 -3.23 -0.19 0.81
C3' DNR A 2 -2.92 1.17 1.44
O3' DNR A 2 -2.66 2.16 0.47
H5' DNR A 2 -2.64 -0.24 3.75
H5'' DNR A 2 -0.88 -0.05 3.97
H4' DNR A 2 -0.96 1.71 2.14
H1' DNR A 2 -1.53 -0.01 -0.49
H6 DNR A 2 -2.35 -2.58 2.04
HN3 DNR A 2 -0.50 -4.18 -2.13
H41 DNR A 2 -0.58 -6.32 -1.47
H42 DNR A 2 -1.29 -6.74 0.07
H5 DNR A 2 -1.96 -4.98 1.77
H2' DNR A 2 -3.65 -0.86 1.56
H2'' DNR A 2 -3.91 -0.10 -0.02
H3' DNR A 2 -3.70 1.50 2.14
P DNR A 7 2.07 4.71 -3.14
OP1 DNR A 7 1.40 6.02 -3.28
OP2 DNR A 7 3.51 4.56 -3.43
O5' DNR A 7 1.76 4.10 -1.70
C5' DNR A 7 0.49 4.22 -1.11
C4' DNR A 7 0.35 3.23 0.06
O4' DNR A 7 0.37 1.89 -0.43
C1' DNR A 7 1.46 1.19 0.15
N1 DNR A 7 2.03 0.21 -0.84
C6 DNR A 7 2.49 0.62 -2.06
C2 DNR A 7 2.05 -1.16 -0.50
O2 DNR A 7 1.63 -1.59 0.57
N3 DNR A 7 2.53 -2.04 -1.41
C4 DNR A 7 2.99 -1.67 -2.59
N4 DNR A 7 3.50 -2.60 -3.38
C5 DNR A 7 2.98 -0.28 -2.96
C2' DNR A 7 2.45 2.26 0.61
C3' DNR A 7 1.50 3.36 1.07
O3' DNR A 7 1.00 3.13 2.38
H5' DNR A 7 -0.29 4.00 -1.84
H5'' DNR A 7 0.35 5.24 -0.74
H4' DNR A 7 -0.59 3.44 0.56
H1' DNR A 7 1.11 0.67 1.04
H6 DNR A 7 2.44 1.68 -2.32
HN3 DNR A 7 2.56 -3.03 -1.14
H41 DNR A 7 3.51 -3.59 -3.09
H42 DNR A 7 4.03 -2.34 -4.20
H5 DNR A 7 3.35 0.07 -3.91
H2' DNR A 7 3.08 2.61 -0.21
H2'' DNR A 7 3.07 1.90 1.42
H3' DNR A 7 1.97 4.35 1.00
P DNR A 2 -2.18 1.47 6.03
OP1 DNR A 2 -2.22 2.77 6.72
OP2 DNR A 2 -3.30 0.51 6.21
O5' DNR A 2 -1.97 1.66 4.45
C5' DNR A 2 -1.67 0.56 3.62
C4' DNR A 2 -1.50 0.96 2.16
O4' DNR A 2 -0.91 -0.14 1.47
C1' DNR A 2 -1.77 -0.53 0.41
N1 DNR A 2 -1.64 -1.99 0.15
C6 DNR A 2 -1.92 -2.88 1.16
C2 DNR A 2 -1.11 -2.46 -1.05
O2 DNR A 2 -0.77 -1.69 -1.95
N3 DNR A 2 -0.95 -3.79 -1.23
C4 DNR A 2 -1.23 -4.67 -0.28
N4 DNR A 2 -1.02 -5.95 -0.55
C5 DNR A 2 -1.73 -4.22 0.99
C2' DNR A 2 -3.16 -0.07 0.87
C3' DNR A 2 -2.80 1.30 1.44
O3' DNR A 2 -2.50 2.24 0.40
H5' DNR A 2 -2.47 -0.18 3.71
H5'' DNR A 2 -0.74 0.12 3.97
H4' DNR A 2 -0.83 1.82 2.13
H1' DNR A 2 -1.51 0.05 -0.49
H6 DNR A 2 -2.27 -2.49 2.10
HN3 DNR A 2 -0.56 -4.11 -2.13
H41 DNR A 2 -0.62 -6.25 -1.45
H42 DNR A 2 -1.29 -6.67 0.11
H5 DNR A 2 -1.91 -4.88 1.83
H2' DNR A 2 -3.56 -0.70 1.67
H2'' DNR A 2 -3.86 -0.02 0.06
H3' DNR A 2 -3.55 1.70 2.12
P DNR A 7 2.48 4.41 -3.45
OP1 DNR A 7 1.89 5.75 -3.70
OP2 DNR A 7 3.91 4.15 -3.70
O5' DNR A 7 2.09 3.92 -1.99
C5' DNR A 7 0.79 4.12 -1.45
C4' DNR A 7 0.58 3.19 -0.25
O4' DNR A 7 0.57 1.83 -0.68
C1' DNR A 7 1.61 1.12 -0.04
N1 DNR A 7 2.17 0.09 -0.96
C6 DNR A 7 2.72 0.44 -2.19
C2 DNR A 7 2.09 -1.27 -0.61
O2 DNR A 7 1.61 -1.66 0.46
N3 DNR A 7 2.53 -2.21 -1.48
C4 DNR A 7 3.05 -1.88 -2.66
N4 DNR A 7 3.48 -2.87 -3.41
C5 DNR A 7 3.18 -0.51 -3.05
C2' DNR A 7 2.62 2.16 0.41
C3' DNR A 7 1.70 3.32 0.79
O3' DNR A 7 1.16 3.16 2.09
H5' DNR A 7 0.04 3.89 -2.20
H5'' DNR A 7 0.68 5.15 -1.15
H4' DNR A 7 -0.37 3.45 0.22
H1' DNR A 7 1.21 0.64 0.86
H6 DNR A 7 2.77 1.50 -2.46
HN3 DNR A 7 2.48 -3.18 -1.20
H41 DNR A 7 3.37 -3.85 -3.11
H42 DNR A 7 4.17 -2.73 -4.15
H5 DNR A 7 3.60 -0.22 -4.00
H2' DNR A 7 3.30 2.47 -0.39
H2'' DNR A 7 3.20 1.83 1.26
H3' DNR A 7 2.21 4.29 0.71
P DNR A 2 -3.38 0.43 5.59
OP1 DNR A 2 -3.74 1.84 5.91
OP2 DNR A 2 -4.37 -0.65 5.78
O5' DNR A 2 -2.85 0.36 4.08
C5' DNR A 2 -1.87 1.26 3.61
C4' DNR A 2 -1.69 1.17 2.09
O4' DNR A 2 -1.14 -0.08 1.66
C1' DNR A 2 -1.82 -0.49 0.49
N1 DNR A 2 -1.68 -1.96 0.24
C6 DNR A 2 -2.03 -2.86 1.22
C2 DNR A 2 -1.13 -2.43 -0.96
O2 DNR A 2 -0.78 -1.68 -1.86
N3 DNR A 2 -0.96 -3.77 -1.13
C4 DNR A 2 -1.30 -4.64 -0.20
N4 DNR A 2 -1.10 -5.93 -0.45
C5 DNR A 2 -1.86 -4.20 1.05
C2' DNR A 2 -3.25 -0.03 0.78
C3' DNR A 2 -2.97 1.38 1.29
O3' DNR A 2 -2.64 2.26 0.23
H5' DNR A 2 -0.91 1.06 4.10
H5'' DNR A 2 -2.16 2.28 3.86
H4' DNR A 2 -1.01 1.96 1.81
H1' DNR A 2 -1.45 0.09 -0.37
H6 DNR A 2 -2.42 -2.44 2.14
HN3 DNR A 2 -0.55 -4.08 -2.01
H41 DNR A 2 -0.66 -6.23 -1.34
H42 DNR A 2 -1.39 -6.65 0.19
H5 DNR A 2 -2.11 -4.87 1.85
H2' DNR A 2 -3.73 -0.62 1.56
H2'' DNR A 2 -3.86 -0.03 -0.12
H3' DNR A 2 -3.77 1.79 1.91
P DNR A 7 2.35 4.47 -3.46
OP1 DNR A 7 1.78 5.82 -3.67
OP2 DNR A 7 3.78 4.18 -3.70
O5' DNR A 7 1.96 3.95 -2.00
C5' DNR A 7 0.66 4.15 -1.49
C4' DNR A 7 0.44 3.23 -0.28
O4' DNR A 7 0.44 1.87 -0.71
C1' DNR A 7 1.47 1.16 -0.05
N1 DNR A 7 2.08 0.15 -0.97
C6 DNR A 7 2.61 0.52 -2.19
C2 DNR A 7 2.03 -1.22 -0.63
O2 DNR A 7 1.58 -1.61 0.45
N3 DNR A 7 2.49 -2.12 -1.51
C4 DNR A 7 2.98 -1.78 -2.70
N4 DNR A 7 3.44 -2.76 -3.47
C5 DNR A 7 3.07 -0.40 -3.08
C2' DNR A 7 2.46 2.23 0.42
C3' DNR A 7 1.52 3.36 0.80
O3' DNR A 7 0.90 3.15 2.06
H5' DNR A 7 -0.09 3.91 -2.24
H5'' DNR A 7 0.54 5.20 -1.20
H4' DNR A 7 -0.53 3.50 0.16
H1' DNR A 7 1.05 0.68 0.84
H6 DNR A 7 2.62 1.58 -2.46
HN3 DNR A 7 2.45 -3.12 -1.25
H41 DNR A 7 3.39 -3.73 -3.15
H42 DNR A 7 4.09 -2.57 -4.23
H5 DNR A 7 3.45 -0.08 -4.03
H2' DNR A 7 3.13 2.54 -0.38
H2'' DNR A 7 3.05 1.89 1.27
H3' DNR A 7 2.02 4.33 0.77
#